data_5H5Q
#
_entry.id   5H5Q
#
_cell.length_a   32.746
_cell.length_b   72.242
_cell.length_c   39.616
_cell.angle_alpha   90.00
_cell.angle_beta   108.41
_cell.angle_gamma   90.00
#
_symmetry.space_group_name_H-M   'P 1 21 1'
#
loop_
_entity.id
_entity.type
_entity.pdbx_description
1 polymer 'Phospholipid hydroperoxide glutathione peroxidase, mitochondrial'
2 polymer GXpep-1
3 non-polymer GLYCEROL
4 water water
#
loop_
_entity_poly.entity_id
_entity_poly.type
_entity_poly.pdbx_seq_one_letter_code
_entity_poly.pdbx_strand_id
1 'polypeptide(L)'
;SASRDDWRAARSMHEFSAKDIDGHMVNLDKYRGFVSIVTNVASQ(OCS)GKTEVNYTQLVDLHARYAERGLRILAFPSNQ
FGKQEPGSNEEIKEFAAGYNVKFDMFSKIEVNGDDAHPLWKWMKIQPKGKGILGNAIKWNFTKFLIDKNGVVVKRYGPME
EPLVIEKDLPHYF
;
A
2 'polypeptide(L)' (ACE)CRVDLQGWRRCRR(NH2) B
#
loop_
_chem_comp.id
_chem_comp.type
_chem_comp.name
_chem_comp.formula
ACE non-polymer 'ACETYL GROUP' 'C2 H4 O'
GOL non-polymer GLYCEROL 'C3 H8 O3'
NH2 non-polymer 'AMINO GROUP' 'H2 N'
#
# COMPACT_ATOMS: atom_id res chain seq x y z
N ASP A 5 -23.97 3.34 1.29
CA ASP A 5 -22.74 3.70 0.55
C ASP A 5 -21.53 3.07 1.26
N ASP A 6 -20.69 2.35 0.51
CA ASP A 6 -19.49 1.73 1.07
C ASP A 6 -18.33 1.83 0.09
N TRP A 7 -17.25 1.14 0.44
CA TRP A 7 -15.99 1.22 -0.27
C TRP A 7 -16.09 0.93 -1.77
N ARG A 8 -17.08 0.16 -2.20
CA ARG A 8 -17.24 -0.13 -3.61
C ARG A 8 -17.50 1.11 -4.45
N ALA A 9 -18.07 2.14 -3.81
CA ALA A 9 -18.37 3.41 -4.46
C ALA A 9 -17.22 4.39 -4.45
N ALA A 10 -16.10 4.08 -3.80
CA ALA A 10 -15.02 5.04 -3.71
C ALA A 10 -14.40 5.27 -5.08
N ARG A 11 -13.94 6.49 -5.30
CA ARG A 11 -13.35 6.89 -6.57
C ARG A 11 -11.83 7.05 -6.51
N SER A 12 -11.24 6.98 -5.32
CA SER A 12 -9.84 7.32 -5.16
C SER A 12 -9.30 6.71 -3.88
N MET A 13 -8.02 6.37 -3.89
CA MET A 13 -7.32 5.99 -2.68
CA MET A 13 -7.31 6.00 -2.66
C MET A 13 -7.43 7.08 -1.61
N HIS A 14 -7.58 8.32 -2.04
CA HIS A 14 -7.59 9.44 -1.14
C HIS A 14 -8.79 9.48 -0.22
N GLU A 15 -9.84 8.71 -0.52
CA GLU A 15 -11.02 8.67 0.34
C GLU A 15 -10.80 7.89 1.62
N PHE A 16 -9.77 7.04 1.65
CA PHE A 16 -9.64 6.06 2.70
C PHE A 16 -8.86 6.59 3.88
N SER A 17 -8.97 5.83 4.96
CA SER A 17 -8.21 6.11 6.19
CA SER A 17 -8.26 6.11 6.21
C SER A 17 -7.59 4.83 6.70
N ALA A 18 -6.48 4.97 7.39
CA ALA A 18 -5.78 3.81 7.94
C ALA A 18 -4.99 4.21 9.15
N LYS A 19 -4.84 3.29 10.09
CA LYS A 19 -3.97 3.55 11.24
C LYS A 19 -2.53 3.41 10.83
N ASP A 20 -1.72 4.39 11.19
CA ASP A 20 -0.29 4.29 10.99
C ASP A 20 0.29 3.28 11.97
N ILE A 21 1.56 2.98 11.83
CA ILE A 21 2.14 1.90 12.63
C ILE A 21 2.20 2.23 14.13
N ASP A 22 2.08 3.51 14.48
CA ASP A 22 1.96 3.95 15.87
C ASP A 22 0.50 3.96 16.39
N GLY A 23 -0.47 3.57 15.57
CA GLY A 23 -1.86 3.50 16.01
C GLY A 23 -2.69 4.72 15.71
N HIS A 24 -2.10 5.70 15.02
CA HIS A 24 -2.74 7.00 14.83
C HIS A 24 -3.46 7.00 13.50
N MET A 25 -4.68 7.52 13.45
CA MET A 25 -5.45 7.53 12.20
C MET A 25 -4.86 8.50 11.19
N VAL A 26 -4.73 8.04 9.96
CA VAL A 26 -4.22 8.82 8.84
C VAL A 26 -5.32 8.89 7.80
N ASN A 27 -5.64 10.10 7.37
CA ASN A 27 -6.48 10.36 6.23
C ASN A 27 -5.60 10.28 4.99
N LEU A 28 -5.89 9.33 4.08
CA LEU A 28 -5.05 9.14 2.90
C LEU A 28 -5.18 10.23 1.87
N ASP A 29 -6.03 11.22 2.10
CA ASP A 29 -6.03 12.40 1.24
CA ASP A 29 -6.04 12.41 1.26
C ASP A 29 -4.73 13.21 1.37
N LYS A 30 -3.90 12.89 2.37
CA LYS A 30 -2.55 13.47 2.38
C LYS A 30 -1.74 13.15 1.13
N TYR A 31 -2.13 12.10 0.41
CA TYR A 31 -1.41 11.71 -0.81
C TYR A 31 -1.97 12.35 -2.07
N ARG A 32 -2.92 13.28 -1.93
CA ARG A 32 -3.39 14.04 -3.08
C ARG A 32 -2.23 14.78 -3.74
N GLY A 33 -2.02 14.53 -5.03
CA GLY A 33 -0.93 15.13 -5.75
C GLY A 33 0.34 14.30 -5.80
N PHE A 34 0.35 13.13 -5.18
CA PHE A 34 1.58 12.31 -5.05
C PHE A 34 1.39 10.95 -5.65
N VAL A 35 2.26 10.60 -6.58
CA VAL A 35 2.29 9.24 -7.09
C VAL A 35 2.69 8.32 -5.95
N SER A 36 1.92 7.26 -5.75
CA SER A 36 2.10 6.42 -4.57
C SER A 36 2.23 4.95 -4.93
N ILE A 37 3.07 4.24 -4.20
CA ILE A 37 3.10 2.77 -4.25
C ILE A 37 2.50 2.28 -2.96
N VAL A 38 1.50 1.40 -3.07
CA VAL A 38 0.88 0.76 -1.92
C VAL A 38 1.28 -0.69 -1.95
N THR A 39 1.85 -1.20 -0.87
CA THR A 39 2.36 -2.56 -0.85
C THR A 39 2.09 -3.23 0.48
N ASN A 40 1.89 -4.54 0.45
CA ASN A 40 1.76 -5.32 1.67
C ASN A 40 3.10 -5.95 1.98
N VAL A 41 3.56 -5.82 3.22
CA VAL A 41 4.90 -6.21 3.59
C VAL A 41 4.88 -7.31 4.65
N ALA A 42 6.03 -7.96 4.79
CA ALA A 42 6.24 -8.97 5.82
C ALA A 42 7.73 -9.03 6.10
N SER A 43 8.09 -9.40 7.33
CA SER A 43 9.49 -9.32 7.76
C SER A 43 10.24 -10.65 7.59
N GLN A 44 9.54 -11.76 7.40
CA GLN A 44 10.15 -13.11 7.43
C GLN A 44 9.92 -13.88 6.13
N OCS A 45 9.98 -13.18 5.00
CA OCS A 45 9.90 -13.81 3.66
CB OCS A 45 8.85 -13.03 2.83
SG OCS A 45 8.44 -13.51 1.29
C OCS A 45 11.29 -13.82 3.08
O OCS A 45 12.12 -12.95 3.38
OD1 OCS A 45 7.19 -13.03 0.95
OD2 OCS A 45 9.65 -13.46 0.37
OD3 OCS A 45 8.28 -14.92 1.33
N GLY A 46 11.58 -14.80 2.22
CA GLY A 46 12.85 -14.85 1.50
C GLY A 46 13.22 -13.59 0.74
N LYS A 47 12.22 -12.87 0.23
CA LYS A 47 12.45 -11.64 -0.51
C LYS A 47 12.20 -10.37 0.31
N THR A 48 12.11 -10.48 1.64
CA THR A 48 11.94 -9.30 2.49
C THR A 48 13.08 -8.31 2.28
N GLU A 49 14.32 -8.79 2.27
CA GLU A 49 15.46 -7.88 2.12
C GLU A 49 15.47 -7.17 0.78
N VAL A 50 15.26 -7.91 -0.31
CA VAL A 50 15.26 -7.26 -1.63
C VAL A 50 14.12 -6.24 -1.72
N ASN A 51 12.94 -6.58 -1.21
CA ASN A 51 11.83 -5.64 -1.31
C ASN A 51 12.07 -4.38 -0.49
N TYR A 52 12.45 -4.52 0.77
CA TYR A 52 12.68 -3.33 1.56
C TYR A 52 13.81 -2.50 1.00
N THR A 53 14.93 -3.13 0.60
CA THR A 53 16.04 -2.32 0.14
C THR A 53 15.69 -1.58 -1.16
N GLN A 54 14.94 -2.22 -2.06
CA GLN A 54 14.56 -1.56 -3.31
C GLN A 54 13.47 -0.51 -3.11
N LEU A 55 12.54 -0.74 -2.17
CA LEU A 55 11.58 0.34 -1.86
C LEU A 55 12.29 1.56 -1.28
N VAL A 56 13.27 1.33 -0.39
CA VAL A 56 14.07 2.42 0.14
C VAL A 56 14.81 3.14 -1.00
N ASP A 57 15.37 2.38 -1.95
CA ASP A 57 16.07 2.96 -3.12
CA ASP A 57 16.08 2.99 -3.08
C ASP A 57 15.14 3.87 -3.92
N LEU A 58 13.95 3.36 -4.21
CA LEU A 58 12.96 4.13 -4.97
C LEU A 58 12.61 5.41 -4.24
N HIS A 59 12.36 5.31 -2.95
CA HIS A 59 12.01 6.51 -2.19
C HIS A 59 13.17 7.50 -2.16
N ALA A 60 14.38 7.02 -1.97
CA ALA A 60 15.54 7.90 -1.95
C ALA A 60 15.68 8.66 -3.25
N ARG A 61 15.44 7.97 -4.35
CA ARG A 61 15.66 8.55 -5.66
C ARG A 61 14.50 9.37 -6.20
N TYR A 62 13.27 9.11 -5.75
CA TYR A 62 12.11 9.74 -6.33
C TYR A 62 11.22 10.53 -5.36
N ALA A 63 11.48 10.51 -4.05
CA ALA A 63 10.65 11.29 -3.14
C ALA A 63 10.58 12.76 -3.53
N GLU A 64 11.67 13.31 -4.01
CA GLU A 64 11.69 14.73 -4.36
C GLU A 64 10.86 15.05 -5.59
N ARG A 65 10.50 14.03 -6.37
CA ARG A 65 9.60 14.17 -7.50
C ARG A 65 8.16 13.86 -7.12
N GLY A 66 7.93 13.48 -5.87
CA GLY A 66 6.58 13.21 -5.40
C GLY A 66 6.25 11.77 -5.09
N LEU A 67 7.20 10.83 -5.22
CA LEU A 67 6.88 9.44 -4.90
C LEU A 67 6.66 9.26 -3.41
N ARG A 68 5.56 8.61 -3.06
CA ARG A 68 5.28 8.20 -1.70
C ARG A 68 5.05 6.70 -1.68
N ILE A 69 5.35 6.05 -0.55
CA ILE A 69 5.18 4.61 -0.43
C ILE A 69 4.44 4.36 0.86
N LEU A 70 3.36 3.59 0.75
CA LEU A 70 2.51 3.18 1.86
C LEU A 70 2.70 1.70 2.05
N ALA A 71 3.29 1.29 3.19
CA ALA A 71 3.59 -0.10 3.46
C ALA A 71 2.66 -0.62 4.56
N PHE A 72 1.88 -1.63 4.20
CA PHE A 72 0.91 -2.28 5.09
C PHE A 72 1.39 -3.66 5.49
N PRO A 73 1.85 -3.86 6.71
CA PRO A 73 2.20 -5.19 7.12
C PRO A 73 0.98 -6.11 7.11
N SER A 74 1.17 -7.39 6.82
CA SER A 74 0.10 -8.36 6.92
C SER A 74 0.70 -9.70 7.26
N ASN A 75 0.03 -10.44 8.13
CA ASN A 75 0.44 -11.78 8.53
C ASN A 75 -0.33 -12.88 7.82
N GLN A 76 -1.01 -12.55 6.71
CA GLN A 76 -1.85 -13.55 6.04
C GLN A 76 -1.10 -14.54 5.15
N PHE A 77 0.20 -14.37 4.94
CA PHE A 77 0.93 -15.19 3.98
C PHE A 77 2.09 -15.89 4.66
N GLY A 78 1.85 -17.14 5.03
CA GLY A 78 2.85 -17.96 5.70
C GLY A 78 3.19 -17.53 7.12
N LYS A 79 2.32 -16.72 7.73
CA LYS A 79 2.60 -16.15 9.05
C LYS A 79 3.99 -15.48 9.06
N GLN A 80 4.26 -14.70 8.02
CA GLN A 80 5.58 -14.12 7.88
C GLN A 80 5.69 -12.71 8.46
N GLU A 81 4.63 -12.25 9.13
CA GLU A 81 4.66 -10.99 9.86
C GLU A 81 4.03 -11.18 11.23
N PRO A 82 4.64 -12.03 12.08
CA PRO A 82 4.00 -12.38 13.33
C PRO A 82 4.11 -11.34 14.43
N GLY A 83 4.98 -10.36 14.27
CA GLY A 83 5.31 -9.43 15.33
C GLY A 83 4.27 -8.36 15.59
N SER A 84 4.50 -7.64 16.69
CA SER A 84 3.68 -6.49 17.01
C SER A 84 3.99 -5.33 16.07
N ASN A 85 3.12 -4.33 16.04
CA ASN A 85 3.37 -3.14 15.23
C ASN A 85 4.67 -2.47 15.64
N GLU A 86 4.96 -2.40 16.94
CA GLU A 86 6.24 -1.83 17.36
C GLU A 86 7.44 -2.60 16.84
N GLU A 87 7.38 -3.93 16.88
CA GLU A 87 8.46 -4.75 16.36
C GLU A 87 8.64 -4.55 14.85
N ILE A 88 7.53 -4.45 14.15
CA ILE A 88 7.59 -4.25 12.70
C ILE A 88 8.19 -2.89 12.38
N LYS A 89 7.75 -1.87 13.15
CA LYS A 89 8.28 -0.52 13.01
C LYS A 89 9.80 -0.52 13.16
N GLU A 90 10.29 -1.19 14.20
CA GLU A 90 11.73 -1.27 14.42
C GLU A 90 12.43 -2.01 13.29
N PHE A 91 11.82 -3.08 12.81
CA PHE A 91 12.40 -3.86 11.70
C PHE A 91 12.58 -2.97 10.46
N ALA A 92 11.52 -2.28 10.08
CA ALA A 92 11.59 -1.37 8.93
C ALA A 92 12.62 -0.27 9.13
N ALA A 93 12.67 0.28 10.34
CA ALA A 93 13.64 1.34 10.62
C ALA A 93 15.06 0.86 10.39
N GLY A 94 15.34 -0.42 10.63
CA GLY A 94 16.67 -0.97 10.40
C GLY A 94 17.15 -0.94 8.96
N TYR A 95 16.22 -0.87 8.01
CA TYR A 95 16.53 -0.70 6.59
C TYR A 95 16.55 0.78 6.17
N ASN A 96 16.51 1.70 7.13
CA ASN A 96 16.47 3.16 6.87
C ASN A 96 15.22 3.53 6.07
N VAL A 97 14.11 2.87 6.37
CA VAL A 97 12.83 3.24 5.76
C VAL A 97 12.44 4.64 6.18
N LYS A 98 12.18 5.51 5.20
CA LYS A 98 11.68 6.86 5.46
C LYS A 98 10.30 7.12 4.88
N PHE A 99 9.72 6.10 4.27
CA PHE A 99 8.37 6.15 3.76
C PHE A 99 7.40 5.75 4.84
N ASP A 100 6.13 5.61 4.51
CA ASP A 100 5.08 5.54 5.53
C ASP A 100 4.69 4.12 5.86
N MET A 101 4.82 3.78 7.13
CA MET A 101 4.49 2.45 7.66
C MET A 101 3.15 2.52 8.36
N PHE A 102 2.32 1.51 8.10
CA PHE A 102 0.98 1.41 8.66
C PHE A 102 0.90 0.24 9.62
N SER A 103 -0.14 0.25 10.46
CA SER A 103 -0.46 -0.87 11.32
C SER A 103 -0.83 -2.10 10.49
N LYS A 104 -0.50 -3.26 11.05
CA LYS A 104 -0.79 -4.54 10.41
C LYS A 104 -2.28 -4.71 10.14
N ILE A 105 -2.59 -5.23 8.96
CA ILE A 105 -3.95 -5.43 8.48
C ILE A 105 -4.08 -6.79 7.80
N GLU A 106 -5.32 -7.16 7.48
CA GLU A 106 -5.59 -8.20 6.49
C GLU A 106 -5.82 -7.53 5.14
N VAL A 107 -5.45 -8.22 4.08
CA VAL A 107 -5.61 -7.75 2.72
C VAL A 107 -6.59 -8.58 1.88
N ASN A 108 -6.90 -9.80 2.34
CA ASN A 108 -7.90 -10.64 1.71
C ASN A 108 -8.98 -11.02 2.73
N GLY A 109 -10.13 -11.37 2.19
CA GLY A 109 -11.28 -11.79 2.99
C GLY A 109 -12.11 -10.62 3.48
N ASP A 110 -13.16 -10.98 4.22
CA ASP A 110 -14.17 -10.01 4.65
C ASP A 110 -13.65 -8.98 5.64
N ASP A 111 -12.58 -9.30 6.36
CA ASP A 111 -11.98 -8.36 7.31
C ASP A 111 -10.80 -7.60 6.73
N ALA A 112 -10.57 -7.68 5.43
CA ALA A 112 -9.52 -6.89 4.79
C ALA A 112 -9.78 -5.40 4.95
N HIS A 113 -8.71 -4.63 5.06
CA HIS A 113 -8.83 -3.19 5.10
C HIS A 113 -9.57 -2.74 3.83
N PRO A 114 -10.50 -1.78 3.94
CA PRO A 114 -11.29 -1.41 2.76
C PRO A 114 -10.51 -0.86 1.58
N LEU A 115 -9.39 -0.19 1.82
CA LEU A 115 -8.55 0.25 0.71
C LEU A 115 -8.11 -0.95 -0.14
N TRP A 116 -7.73 -2.04 0.52
CA TRP A 116 -7.31 -3.25 -0.19
C TRP A 116 -8.47 -3.91 -0.92
N LYS A 117 -9.65 -3.96 -0.29
CA LYS A 117 -10.84 -4.44 -1.00
C LYS A 117 -11.03 -3.65 -2.28
N TRP A 118 -10.89 -2.33 -2.17
CA TRP A 118 -11.12 -1.43 -3.31
C TRP A 118 -10.06 -1.57 -4.39
N MET A 119 -8.78 -1.60 -3.99
CA MET A 119 -7.73 -1.65 -5.01
C MET A 119 -7.87 -2.87 -5.89
N LYS A 120 -8.22 -4.00 -5.27
CA LYS A 120 -8.33 -5.28 -5.97
C LYS A 120 -9.40 -5.33 -7.03
N ILE A 121 -10.41 -4.48 -6.96
CA ILE A 121 -11.47 -4.46 -7.98
C ILE A 121 -11.31 -3.32 -8.98
N GLN A 122 -10.24 -2.52 -8.89
CA GLN A 122 -10.07 -1.43 -9.88
C GLN A 122 -9.66 -2.01 -11.21
N PRO A 123 -10.01 -1.33 -12.31
CA PRO A 123 -9.66 -1.84 -13.62
C PRO A 123 -8.19 -2.24 -13.80
N LYS A 124 -7.25 -1.46 -13.25
CA LYS A 124 -5.82 -1.79 -13.32
C LYS A 124 -5.31 -2.46 -12.06
N GLY A 125 -6.19 -2.71 -11.09
CA GLY A 125 -5.82 -3.44 -9.85
C GLY A 125 -6.24 -4.89 -9.81
N LYS A 126 -7.15 -5.26 -10.72
CA LYS A 126 -7.59 -6.64 -10.83
C LYS A 126 -6.40 -7.44 -11.31
N GLY A 127 -6.26 -8.66 -10.82
CA GLY A 127 -5.10 -9.46 -11.17
C GLY A 127 -5.26 -10.01 -12.58
N ILE A 128 -4.14 -10.14 -13.27
CA ILE A 128 -4.07 -10.89 -14.53
C ILE A 128 -4.56 -12.31 -14.25
N LEU A 129 -4.14 -12.79 -13.08
CA LEU A 129 -4.45 -14.09 -12.57
C LEU A 129 -5.31 -13.99 -11.30
N GLY A 130 -6.41 -13.23 -11.37
CA GLY A 130 -7.40 -13.12 -10.29
C GLY A 130 -7.06 -12.04 -9.30
N ASN A 131 -8.06 -11.54 -8.58
CA ASN A 131 -7.87 -10.34 -7.79
C ASN A 131 -7.20 -10.52 -6.43
N ALA A 132 -7.30 -11.70 -5.84
CA ALA A 132 -6.82 -11.87 -4.47
C ALA A 132 -5.34 -11.56 -4.40
N ILE A 133 -4.90 -11.00 -3.28
CA ILE A 133 -3.48 -10.81 -3.08
C ILE A 133 -2.85 -12.18 -2.88
N LYS A 134 -1.82 -12.50 -3.67
CA LYS A 134 -1.31 -13.88 -3.69
C LYS A 134 -0.27 -14.17 -2.65
N TRP A 135 0.52 -13.16 -2.26
CA TRP A 135 1.59 -13.35 -1.30
C TRP A 135 2.01 -11.96 -0.81
N ASN A 136 3.00 -11.95 0.08
CA ASN A 136 3.60 -10.71 0.52
C ASN A 136 4.22 -9.96 -0.66
N PHE A 137 4.24 -8.65 -0.53
CA PHE A 137 4.92 -7.74 -1.46
C PHE A 137 4.24 -7.68 -2.82
N THR A 138 2.91 -7.69 -2.82
CA THR A 138 2.20 -7.17 -3.98
C THR A 138 2.30 -5.65 -3.95
N LYS A 139 2.36 -5.00 -5.11
CA LYS A 139 2.50 -3.55 -5.19
C LYS A 139 1.44 -2.99 -6.11
N PHE A 140 0.81 -1.91 -5.69
CA PHE A 140 -0.09 -1.15 -6.54
C PHE A 140 0.49 0.24 -6.78
N LEU A 141 0.57 0.64 -8.03
CA LEU A 141 0.97 2.00 -8.37
C LEU A 141 -0.30 2.83 -8.53
N ILE A 142 -0.30 3.98 -7.86
CA ILE A 142 -1.46 4.87 -7.73
C ILE A 142 -1.05 6.22 -8.26
N ASP A 143 -1.85 6.80 -9.16
CA ASP A 143 -1.51 8.09 -9.72
C ASP A 143 -1.82 9.24 -8.74
N LYS A 144 -1.54 10.46 -9.17
CA LYS A 144 -1.68 11.61 -8.27
C LYS A 144 -3.12 11.89 -7.87
N ASN A 145 -4.07 11.38 -8.64
CA ASN A 145 -5.50 11.49 -8.32
C ASN A 145 -6.01 10.35 -7.48
N GLY A 146 -5.14 9.43 -7.11
CA GLY A 146 -5.55 8.31 -6.29
C GLY A 146 -6.14 7.14 -7.07
N VAL A 147 -5.93 7.10 -8.37
CA VAL A 147 -6.44 6.03 -9.23
C VAL A 147 -5.39 4.93 -9.40
N VAL A 148 -5.79 3.67 -9.28
CA VAL A 148 -4.84 2.58 -9.50
C VAL A 148 -4.49 2.53 -10.98
N VAL A 149 -3.19 2.55 -11.27
CA VAL A 149 -2.73 2.47 -12.65
C VAL A 149 -1.98 1.21 -13.00
N LYS A 150 -1.44 0.48 -12.01
CA LYS A 150 -0.78 -0.77 -12.32
C LYS A 150 -0.65 -1.59 -11.07
N ARG A 151 -0.57 -2.92 -11.24
CA ARG A 151 -0.35 -3.88 -10.17
C ARG A 151 0.83 -4.74 -10.53
N TYR A 152 1.69 -5.00 -9.54
CA TYR A 152 2.92 -5.77 -9.70
C TYR A 152 2.88 -6.87 -8.65
N GLY A 153 3.12 -8.12 -9.05
CA GLY A 153 3.02 -9.24 -8.13
C GLY A 153 4.23 -9.42 -7.24
N PRO A 154 4.12 -10.35 -6.29
CA PRO A 154 5.20 -10.67 -5.35
C PRO A 154 6.55 -10.97 -5.99
N MET A 155 6.54 -11.54 -7.19
CA MET A 155 7.79 -11.93 -7.85
C MET A 155 8.45 -10.76 -8.61
N GLU A 156 7.76 -9.62 -8.70
CA GLU A 156 8.29 -8.45 -9.41
C GLU A 156 8.98 -7.55 -8.40
N GLU A 157 10.31 -7.46 -8.49
CA GLU A 157 11.09 -6.67 -7.55
CA GLU A 157 11.08 -6.68 -7.54
C GLU A 157 10.69 -5.19 -7.69
N PRO A 158 10.75 -4.42 -6.58
CA PRO A 158 10.28 -3.04 -6.70
C PRO A 158 10.92 -2.20 -7.78
N LEU A 159 12.18 -2.44 -8.11
CA LEU A 159 12.82 -1.61 -9.14
C LEU A 159 12.15 -1.74 -10.48
N VAL A 160 11.39 -2.80 -10.74
CA VAL A 160 10.68 -2.84 -12.02
C VAL A 160 9.66 -1.69 -12.15
N ILE A 161 9.18 -1.17 -11.03
CA ILE A 161 8.19 -0.08 -11.04
C ILE A 161 8.81 1.22 -11.61
N GLU A 162 10.11 1.36 -11.44
CA GLU A 162 10.82 2.54 -11.91
C GLU A 162 10.58 2.86 -13.38
N LYS A 163 10.43 1.82 -14.19
CA LYS A 163 10.17 1.97 -15.63
C LYS A 163 8.92 2.77 -15.89
N ASP A 164 7.91 2.61 -15.01
CA ASP A 164 6.60 3.24 -15.20
C ASP A 164 6.44 4.59 -14.52
N LEU A 165 7.22 4.88 -13.49
CA LEU A 165 7.00 6.10 -12.68
C LEU A 165 6.94 7.41 -13.44
N PRO A 166 7.88 7.66 -14.37
CA PRO A 166 7.85 8.97 -15.03
C PRO A 166 6.61 9.22 -15.85
N HIS A 167 5.92 8.17 -16.25
CA HIS A 167 4.69 8.32 -16.98
C HIS A 167 3.60 8.98 -16.11
N TYR A 168 3.71 8.81 -14.78
CA TYR A 168 2.69 9.32 -13.85
C TYR A 168 3.07 10.54 -13.07
N PHE A 169 4.35 10.87 -12.98
CA PHE A 169 4.72 12.12 -12.35
C PHE A 169 4.04 13.23 -13.15
C ACE B 1 -15.97 14.02 0.44
O ACE B 1 -16.65 14.01 1.46
CH3 ACE B 1 -15.37 15.29 -0.14
N CYS B 2 -15.74 12.90 -0.26
CA CYS B 2 -16.20 11.59 0.30
C CYS B 2 -15.09 10.90 1.08
N ARG B 3 -15.49 10.23 2.15
CA ARG B 3 -14.59 9.53 3.06
C ARG B 3 -15.10 8.12 3.27
N VAL B 4 -14.17 7.15 3.26
CA VAL B 4 -14.48 5.77 3.63
C VAL B 4 -13.80 5.53 4.96
N ASP B 5 -14.56 5.09 5.94
CA ASP B 5 -14.01 4.85 7.28
C ASP B 5 -13.29 3.52 7.34
N LEU B 6 -12.74 3.21 8.51
CA LEU B 6 -12.00 1.98 8.67
C LEU B 6 -12.82 0.72 8.44
N GLN B 7 -14.13 0.82 8.67
CA GLN B 7 -15.02 -0.31 8.51
C GLN B 7 -15.58 -0.43 7.11
N GLY B 8 -15.29 0.53 6.24
CA GLY B 8 -15.69 0.47 4.84
C GLY B 8 -16.96 1.23 4.48
N TRP B 9 -17.55 1.96 5.42
CA TRP B 9 -18.73 2.79 5.13
C TRP B 9 -18.30 4.11 4.53
N ARG B 10 -19.09 4.65 3.61
CA ARG B 10 -18.73 5.86 2.87
C ARG B 10 -19.71 6.98 3.16
N ARG B 11 -19.19 8.19 3.37
CA ARG B 11 -20.02 9.38 3.58
C ARG B 11 -19.46 10.52 2.75
N CYS B 12 -20.37 11.30 2.16
CA CYS B 12 -20.02 12.40 1.28
C CYS B 12 -20.60 13.70 1.81
N ARG B 13 -20.29 14.80 1.14
CA ARG B 13 -20.82 16.11 1.51
C ARG B 13 -22.33 16.16 1.32
N ARG B 14 -23.02 16.75 2.30
CA ARG B 14 -24.48 16.90 2.31
C ARG B 14 -24.87 18.35 1.98
N NH2 B 15 -26.19 18.61 1.86
C1 GOL C . 3.27 16.24 2.47
O1 GOL C . 2.47 16.87 1.48
C2 GOL C . 3.82 14.90 1.99
O2 GOL C . 4.34 15.01 0.66
C3 GOL C . 2.73 13.83 2.00
O3 GOL C . 3.27 12.58 1.55
C1 GOL D . -13.75 12.41 -3.10
O1 GOL D . -14.99 13.07 -2.93
C2 GOL D . -13.71 11.73 -4.47
O2 GOL D . -12.88 10.58 -4.32
C3 GOL D . -13.12 12.67 -5.53
O3 GOL D . -12.82 11.99 -6.75
#